data_7KVU
#
_entry.id   7KVU
#
_cell.length_a   103.731
_cell.length_b   103.731
_cell.length_c   51.959
_cell.angle_alpha   90.00
_cell.angle_beta   90.00
_cell.angle_gamma   90.00
#
_symmetry.space_group_name_H-M   'P 42 21 2'
#
loop_
_entity.id
_entity.type
_entity.pdbx_description
1 polymer 'Squash RNA aptamer'
2 non-polymer 'MAGNESIUM ION'
3 non-polymer 'POTASSIUM ION'
4 non-polymer (5Z)-5-(3,5-difluoro-4-hydroxybenzylidene)-2-methyl-3-(2,2,2-trifluoroethyl)-3,5-dihydro-4H-imidazol-4-one
5 water water
#
_entity_poly.entity_id   1
_entity_poly.type   'polyribonucleotide'
_entity_poly.pdbx_seq_one_letter_code
;(GTP)GGAAGAUACAAGGUGAGCCCAAUAAUAUGGUUUGGGUUAGGAUAGGAAGUAGAGCCUUAAACUCUCUAAGCGGUA
UCUUCCC
;
_entity_poly.pdbx_strand_id   G
#
loop_
_chem_comp.id
_chem_comp.type
_chem_comp.name
_chem_comp.formula
2ZY non-polymer (5Z)-5-(3,5-difluoro-4-hydroxybenzylidene)-2-methyl-3-(2,2,2-trifluoroethyl)-3,5-dihydro-4H-imidazol-4-one 'C13 H9 F5 N2 O2'
A RNA linking ADENOSINE-5'-MONOPHOSPHATE 'C10 H14 N5 O7 P'
C RNA linking CYTIDINE-5'-MONOPHOSPHATE 'C9 H14 N3 O8 P'
G RNA linking GUANOSINE-5'-MONOPHOSPHATE 'C10 H14 N5 O8 P'
GTP non-polymer GUANOSINE-5'-TRIPHOSPHATE 'C10 H16 N5 O14 P3'
K non-polymer 'POTASSIUM ION' 'K 1'
MG non-polymer 'MAGNESIUM ION' 'Mg 2'
U RNA linking URIDINE-5'-MONOPHOSPHATE 'C9 H13 N2 O9 P'
#
# COMPACT_ATOMS: atom_id res chain seq x y z
PG GTP A 1 1.45 -16.37 15.03
O1G GTP A 1 1.57 -17.88 15.08
O2G GTP A 1 1.45 -15.83 16.44
O3G GTP A 1 0.15 -16.01 14.35
O3B GTP A 1 2.72 -15.78 14.21
PB GTP A 1 2.91 -15.92 12.60
O1B GTP A 1 4.37 -15.75 12.27
O2B GTP A 1 2.40 -17.26 12.11
O3A GTP A 1 2.03 -14.72 11.98
PA GTP A 1 2.65 -13.50 11.12
O1A GTP A 1 4.06 -13.16 11.57
O2A GTP A 1 1.77 -12.27 11.17
O5' GTP A 1 2.66 -14.10 9.63
C5' GTP A 1 1.79 -13.54 8.68
C4' GTP A 1 0.75 -14.52 8.14
O4' GTP A 1 0.16 -15.34 9.15
C3' GTP A 1 -0.41 -13.77 7.53
O3' GTP A 1 -0.16 -13.35 6.21
C2' GTP A 1 -1.56 -14.76 7.62
O2' GTP A 1 -1.65 -15.58 6.47
C1' GTP A 1 -1.21 -15.57 8.87
N9 GTP A 1 -2.01 -14.98 9.96
C8 GTP A 1 -1.50 -14.54 11.15
N7 GTP A 1 -2.51 -14.04 11.90
C5 GTP A 1 -3.67 -14.15 11.20
C6 GTP A 1 -4.97 -13.80 11.53
O6 GTP A 1 -5.24 -13.29 12.62
N1 GTP A 1 -5.99 -14.03 10.63
C2 GTP A 1 -5.69 -14.61 9.43
N2 GTP A 1 -6.69 -14.83 8.57
N3 GTP A 1 -4.40 -14.96 9.10
C4 GTP A 1 -3.38 -14.74 9.98
MG MG B . -7.45 24.24 -23.78
MG MG C . 4.42 9.73 -12.35
K K D . -5.79 8.34 -23.26
K K E . -12.32 15.17 -20.73
K K F . -1.96 -8.99 12.31
O18 2ZY G . 4.18 18.19 -12.85
C15 2ZY G . 3.18 17.53 -12.93
N14 2ZY G . 2.92 16.63 -13.86
C16 2ZY G . 3.79 16.26 -14.94
C19 2ZY G . 3.56 17.18 -16.12
C13 2ZY G . 1.73 16.13 -13.61
C17 2ZY G . 1.09 15.04 -14.47
C11 2ZY G . 2.12 17.58 -12.08
N12 2ZY G . 1.21 16.70 -12.51
C10 2ZY G . 2.06 18.39 -11.04
C2 2ZY G . 1.06 18.39 -9.89
C1 2ZY G . -0.13 17.68 -9.94
C6 2ZY G . -0.98 17.74 -8.84
F8 2ZY G . -2.15 17.05 -8.86
C5 2ZY G . -0.66 18.49 -7.72
O9 2ZY G . -1.51 18.56 -6.62
C4 2ZY G . 0.52 19.19 -7.68
F7 2ZY G . 0.81 19.93 -6.56
C3 2ZY G . 1.37 19.14 -8.77
F20 2ZY G . 3.82 18.44 -15.68
F21 2ZY G . 4.40 16.86 -17.17
F22 2ZY G . 2.26 17.03 -16.54
MG MG H . 9.19 8.51 -4.43
MG MG I . -2.57 27.81 -15.37
#